data_7NG2
#
_entry.id   7NG2
#
_cell.length_a   40.180
_cell.length_b   40.180
_cell.length_c   202.600
_cell.angle_alpha   90.000
_cell.angle_beta   90.000
_cell.angle_gamma   90.000
#
_symmetry.space_group_name_H-M   'P 41 21 2'
#
loop_
_entity.id
_entity.type
_entity.pdbx_description
1 polymer 'Zinc finger (CCCH type) motif-containing protein'
2 non-polymer 'ISOPROPYL ALCOHOL'
3 water water
#
_entity_poly.entity_id   1
_entity_poly.type   'polypeptide(L)'
_entity_poly.pdbx_seq_one_letter_code
;GDPFGHVASPQSTKRFFIIKSNRMSNIYTSIQHGVWATSKGNSRKLSNAFTSTDHVLLLFSANESGGFQGFGRMMSLPDP
QLFPGIWGPVQLRLGSNFRVMWLKQCKIEFEELGKVTNPWNDDLPLRKSRDGTEVPPALGSLLCTWMSQRPSEDLLAGTG
IDPATR
;
_entity_poly.pdbx_strand_id   A
#
loop_
_chem_comp.id
_chem_comp.type
_chem_comp.name
_chem_comp.formula
IPA non-polymer 'ISOPROPYL ALCOHOL' 'C3 H8 O'
#
# COMPACT_ATOMS: atom_id res chain seq x y z
N GLY A 1 -3.01 8.30 -12.84
CA GLY A 1 -3.47 9.67 -12.92
C GLY A 1 -4.34 10.08 -11.76
N ASP A 2 -5.11 11.15 -11.97
CA ASP A 2 -5.95 11.74 -10.94
C ASP A 2 -7.13 10.82 -10.62
N PRO A 3 -7.65 10.87 -9.39
CA PRO A 3 -8.86 10.09 -9.07
C PRO A 3 -10.10 10.76 -9.65
N PHE A 4 -10.91 9.96 -10.34
CA PHE A 4 -12.18 10.43 -10.89
C PHE A 4 -13.38 9.81 -10.19
N GLY A 5 -13.14 9.17 -9.05
CA GLY A 5 -14.19 8.61 -8.22
C GLY A 5 -13.55 8.06 -6.97
N HIS A 6 -14.41 7.66 -6.04
CA HIS A 6 -13.94 7.06 -4.80
C HIS A 6 -13.37 5.68 -5.08
N VAL A 7 -12.33 5.29 -4.33
CA VAL A 7 -11.69 4.01 -4.58
C VAL A 7 -12.62 2.83 -4.31
N ALA A 8 -13.69 3.04 -3.54
CA ALA A 8 -14.63 1.96 -3.25
C ALA A 8 -15.72 1.84 -4.30
N SER A 9 -15.79 2.77 -5.25
CA SER A 9 -16.86 2.72 -6.24
C SER A 9 -16.54 1.70 -7.33
N PRO A 10 -17.56 0.99 -7.84
CA PRO A 10 -17.29 -0.19 -8.67
C PRO A 10 -16.85 0.10 -10.09
N GLN A 11 -17.13 1.27 -10.66
CA GLN A 11 -16.91 1.48 -12.08
C GLN A 11 -15.46 1.71 -12.45
N SER A 12 -14.58 1.90 -11.48
CA SER A 12 -13.19 2.26 -11.77
C SER A 12 -12.32 1.01 -11.76
N THR A 13 -11.24 1.06 -12.54
CA THR A 13 -10.26 -0.02 -12.54
C THR A 13 -9.30 0.15 -11.37
N LYS A 14 -8.87 -0.99 -10.80
CA LYS A 14 -8.08 -0.98 -9.58
C LYS A 14 -7.01 -2.05 -9.66
N ARG A 15 -5.86 -1.75 -9.06
CA ARG A 15 -4.84 -2.76 -8.76
C ARG A 15 -4.42 -2.57 -7.32
N PHE A 16 -4.03 -3.66 -6.68
CA PHE A 16 -3.81 -3.72 -5.24
C PHE A 16 -2.46 -4.36 -4.95
N PHE A 17 -1.60 -3.67 -4.21
CA PHE A 17 -0.26 -4.16 -3.92
C PHE A 17 -0.02 -4.11 -2.42
N ILE A 18 0.60 -5.17 -1.89
CA ILE A 18 1.01 -5.21 -0.49
C ILE A 18 2.36 -4.53 -0.36
N ILE A 19 2.48 -3.63 0.62
CA ILE A 19 3.71 -2.90 0.92
C ILE A 19 4.18 -3.37 2.28
N LYS A 20 5.45 -3.74 2.38
CA LYS A 20 6.06 -4.11 3.65
C LYS A 20 6.96 -2.99 4.13
N SER A 21 7.06 -2.82 5.43
CA SER A 21 7.93 -1.79 6.00
C SER A 21 8.71 -2.40 7.15
N ASN A 22 10.03 -2.25 7.15
N ASN A 22 10.03 -2.18 7.14
CA ASN A 22 10.77 -2.81 8.27
CA ASN A 22 10.99 -2.65 8.14
C ASN A 22 10.59 -2.00 9.55
C ASN A 22 10.94 -1.84 9.43
N ARG A 23 10.22 -0.72 9.44
CA ARG A 23 10.17 0.18 10.59
C ARG A 23 8.77 0.78 10.66
N MET A 24 8.13 0.68 11.83
CA MET A 24 6.90 1.42 12.05
C MET A 24 7.11 2.91 11.88
N SER A 25 8.29 3.41 12.24
CA SER A 25 8.58 4.84 12.09
C SER A 25 8.45 5.29 10.64
N ASN A 26 8.76 4.41 9.69
CA ASN A 26 8.57 4.77 8.29
C ASN A 26 7.09 4.90 7.95
N ILE A 27 6.24 4.03 8.51
N ILE A 27 6.24 4.05 8.53
CA ILE A 27 4.80 4.16 8.35
CA ILE A 27 4.80 4.18 8.31
C ILE A 27 4.31 5.49 8.91
C ILE A 27 4.28 5.48 8.93
N TYR A 28 4.80 5.85 10.10
CA TYR A 28 4.40 7.12 10.70
C TYR A 28 4.78 8.29 9.81
N THR A 29 5.99 8.27 9.26
CA THR A 29 6.42 9.32 8.35
C THR A 29 5.53 9.35 7.11
N SER A 30 5.16 8.18 6.59
CA SER A 30 4.30 8.11 5.42
C SER A 30 2.94 8.74 5.69
N ILE A 31 2.37 8.47 6.87
CA ILE A 31 1.08 9.06 7.23
C ILE A 31 1.23 10.57 7.42
N GLN A 32 2.33 10.99 8.05
CA GLN A 32 2.52 12.40 8.37
C GLN A 32 2.68 13.25 7.11
N HIS A 33 3.38 12.73 6.11
CA HIS A 33 3.75 13.52 4.93
C HIS A 33 3.18 13.01 3.62
N GLY A 34 2.44 11.91 3.62
CA GLY A 34 1.81 11.43 2.40
C GLY A 34 2.81 10.98 1.36
N VAL A 35 3.75 10.11 1.75
CA VAL A 35 4.89 9.81 0.90
C VAL A 35 5.32 8.36 1.14
N TRP A 36 5.85 7.73 0.09
CA TRP A 36 6.45 6.41 0.20
C TRP A 36 7.57 6.31 -0.82
N ALA A 37 8.41 5.29 -0.65
CA ALA A 37 9.38 4.90 -1.66
C ALA A 37 9.57 3.40 -1.55
N THR A 38 9.94 2.78 -2.66
CA THR A 38 10.12 1.33 -2.69
C THR A 38 11.34 0.99 -3.53
N SER A 39 11.64 -0.30 -3.63
CA SER A 39 12.77 -0.77 -4.41
C SER A 39 12.64 -0.31 -5.86
N LYS A 40 13.76 -0.28 -6.58
CA LYS A 40 13.71 0.18 -7.97
C LYS A 40 12.82 -0.71 -8.81
N GLY A 41 12.87 -2.03 -8.60
CA GLY A 41 11.98 -2.94 -9.32
C GLY A 41 10.51 -2.68 -9.03
N ASN A 42 10.17 -2.54 -7.74
CA ASN A 42 8.78 -2.27 -7.39
C ASN A 42 8.36 -0.88 -7.87
N SER A 43 9.31 0.05 -7.92
CA SER A 43 8.99 1.40 -8.38
C SER A 43 8.55 1.38 -9.84
N ARG A 44 9.23 0.60 -10.67
CA ARG A 44 8.83 0.50 -12.07
C ARG A 44 7.47 -0.17 -12.19
N LYS A 45 7.25 -1.24 -11.42
CA LYS A 45 5.99 -1.95 -11.45
C LYS A 45 4.84 -1.05 -11.03
N LEU A 46 5.01 -0.30 -9.94
CA LEU A 46 3.96 0.60 -9.48
C LEU A 46 3.76 1.75 -10.46
N SER A 47 4.84 2.25 -11.06
CA SER A 47 4.71 3.32 -12.05
C SER A 47 3.84 2.88 -13.22
N ASN A 48 4.11 1.68 -13.74
CA ASN A 48 3.33 1.19 -14.87
C ASN A 48 1.87 0.96 -14.49
N ALA A 49 1.62 0.55 -13.24
CA ALA A 49 0.24 0.44 -12.76
C ALA A 49 -0.41 1.81 -12.64
N PHE A 50 0.34 2.80 -12.12
CA PHE A 50 -0.22 4.13 -11.87
C PHE A 50 -0.72 4.79 -13.15
N THR A 51 0.03 4.66 -14.24
N THR A 51 0.02 4.64 -14.24
CA THR A 51 -0.36 5.32 -15.48
CA THR A 51 -0.31 5.30 -15.49
C THR A 51 -1.51 4.61 -16.18
C THR A 51 -1.30 4.52 -16.34
N SER A 52 -1.75 3.35 -15.88
CA SER A 52 -2.68 2.52 -16.65
C SER A 52 -3.85 1.98 -15.84
N THR A 53 -4.04 2.46 -14.62
CA THR A 53 -5.13 2.00 -13.77
C THR A 53 -5.77 3.22 -13.15
N ASP A 54 -7.10 3.17 -12.97
CA ASP A 54 -7.77 4.31 -12.36
C ASP A 54 -7.28 4.55 -10.93
N HIS A 55 -7.13 3.49 -10.15
CA HIS A 55 -6.66 3.55 -8.76
C HIS A 55 -5.65 2.46 -8.49
N VAL A 56 -4.50 2.86 -7.95
CA VAL A 56 -3.51 1.91 -7.43
C VAL A 56 -3.56 1.98 -5.91
N LEU A 57 -3.94 0.88 -5.28
CA LEU A 57 -4.07 0.79 -3.82
C LEU A 57 -2.88 0.06 -3.23
N LEU A 58 -2.36 0.63 -2.14
CA LEU A 58 -1.21 0.12 -1.42
C LEU A 58 -1.68 -0.30 -0.03
N LEU A 59 -1.48 -1.57 0.30
CA LEU A 59 -1.97 -2.16 1.55
C LEU A 59 -0.76 -2.36 2.45
N PHE A 60 -0.68 -1.59 3.53
CA PHE A 60 0.55 -1.49 4.31
C PHE A 60 0.59 -2.53 5.41
N SER A 61 1.72 -3.24 5.50
CA SER A 61 1.94 -4.27 6.52
C SER A 61 3.37 -4.18 7.03
N ALA A 62 3.55 -3.69 8.24
CA ALA A 62 4.88 -3.63 8.83
C ALA A 62 5.41 -5.05 9.08
N ASN A 63 6.69 -5.23 8.86
CA ASN A 63 7.32 -6.54 9.08
C ASN A 63 7.05 -7.01 10.50
N GLU A 64 6.51 -8.23 10.61
CA GLU A 64 6.22 -8.88 11.88
C GLU A 64 5.09 -8.25 12.67
N SER A 65 4.31 -7.38 12.03
CA SER A 65 3.13 -6.83 12.67
C SER A 65 1.98 -7.82 12.72
N GLY A 66 2.04 -8.88 11.91
CA GLY A 66 0.97 -9.86 11.85
C GLY A 66 -0.25 -9.45 11.04
N GLY A 67 -0.22 -8.32 10.34
CA GLY A 67 -1.39 -7.89 9.60
C GLY A 67 -1.19 -6.57 8.90
N PHE A 68 -2.28 -5.85 8.70
CA PHE A 68 -2.27 -4.58 7.97
C PHE A 68 -2.52 -3.43 8.92
N GLN A 69 -1.88 -2.30 8.64
CA GLN A 69 -2.10 -1.06 9.36
C GLN A 69 -3.00 -0.09 8.61
N GLY A 70 -3.39 -0.42 7.40
CA GLY A 70 -4.25 0.43 6.62
C GLY A 70 -3.91 0.34 5.16
N PHE A 71 -4.47 1.29 4.39
CA PHE A 71 -4.22 1.30 2.97
C PHE A 71 -4.30 2.73 2.44
N GLY A 72 -3.68 2.93 1.28
CA GLY A 72 -3.67 4.24 0.66
C GLY A 72 -3.68 4.13 -0.85
N ARG A 73 -3.85 5.27 -1.50
CA ARG A 73 -3.83 5.36 -2.95
C ARG A 73 -2.52 6.01 -3.39
N MET A 74 -1.87 5.40 -4.38
CA MET A 74 -0.72 6.04 -5.00
C MET A 74 -1.19 7.25 -5.79
N MET A 75 -0.60 8.42 -5.51
CA MET A 75 -1.09 9.68 -6.07
C MET A 75 -0.19 10.27 -7.13
N SER A 76 1.05 9.79 -7.24
CA SER A 76 1.97 10.35 -8.22
C SER A 76 2.97 9.28 -8.61
N LEU A 77 3.66 9.54 -9.72
CA LEU A 77 4.82 8.76 -10.08
C LEU A 77 5.97 9.09 -9.13
N PRO A 78 6.96 8.19 -9.03
CA PRO A 78 8.20 8.55 -8.32
C PRO A 78 8.74 9.87 -8.83
N ASP A 79 9.13 10.74 -7.88
CA ASP A 79 9.38 12.16 -8.12
C ASP A 79 10.62 12.57 -7.35
N PRO A 80 11.74 12.85 -8.03
CA PRO A 80 12.97 13.20 -7.30
C PRO A 80 12.86 14.45 -6.44
N GLN A 81 11.87 15.31 -6.64
CA GLN A 81 11.72 16.52 -5.86
C GLN A 81 10.77 16.38 -4.69
N LEU A 82 10.20 15.20 -4.47
CA LEU A 82 9.28 15.00 -3.36
C LEU A 82 10.07 14.59 -2.13
N PHE A 83 9.98 15.39 -1.06
CA PHE A 83 10.67 15.17 0.21
C PHE A 83 12.05 14.54 0.04
N PRO A 84 12.97 15.19 -0.67
CA PRO A 84 14.25 14.53 -0.95
C PRO A 84 14.99 14.17 0.34
N GLY A 85 15.42 12.91 0.42
CA GLY A 85 16.22 12.44 1.53
C GLY A 85 15.46 12.11 2.81
N ILE A 86 14.13 12.12 2.77
CA ILE A 86 13.34 11.99 4.00
C ILE A 86 13.61 10.67 4.72
N TRP A 87 13.98 9.62 3.98
CA TRP A 87 14.14 8.31 4.59
C TRP A 87 15.53 8.08 5.15
N GLY A 88 16.44 9.02 4.98
CA GLY A 88 17.81 8.82 5.39
C GLY A 88 18.57 7.99 4.37
N PRO A 89 19.68 7.40 4.78
CA PRO A 89 20.59 6.75 3.83
C PRO A 89 19.96 5.63 2.99
N VAL A 90 18.89 4.99 3.48
CA VAL A 90 18.21 3.99 2.66
C VAL A 90 17.67 4.59 1.37
N GLN A 91 17.47 5.92 1.33
CA GLN A 91 17.04 6.60 0.11
C GLN A 91 17.91 6.19 -1.08
N LEU A 92 19.20 5.97 -0.84
CA LEU A 92 20.14 5.63 -1.90
C LEU A 92 19.88 4.28 -2.54
N ARG A 93 19.15 3.38 -1.87
CA ARG A 93 18.84 2.07 -2.41
C ARG A 93 17.39 1.92 -2.84
N LEU A 94 16.67 3.03 -2.96
CA LEU A 94 15.26 3.00 -3.33
C LEU A 94 15.05 3.82 -4.60
N GLY A 95 13.91 3.61 -5.24
CA GLY A 95 13.45 4.54 -6.24
C GLY A 95 13.08 5.88 -5.60
N SER A 96 12.66 6.81 -6.43
CA SER A 96 12.32 8.14 -5.93
C SER A 96 11.01 8.08 -5.15
N ASN A 97 10.85 9.05 -4.24
CA ASN A 97 9.62 9.14 -3.45
C ASN A 97 8.42 9.44 -4.32
N PHE A 98 7.28 8.89 -3.94
CA PHE A 98 6.02 9.20 -4.60
C PHE A 98 4.96 9.52 -3.56
N ARG A 99 3.95 10.26 -3.99
CA ARG A 99 2.89 10.68 -3.09
C ARG A 99 1.91 9.54 -2.84
N VAL A 100 1.46 9.43 -1.60
N VAL A 100 1.48 9.39 -1.60
CA VAL A 100 0.44 8.48 -1.18
CA VAL A 100 0.46 8.42 -1.24
C VAL A 100 -0.61 9.22 -0.37
C VAL A 100 -0.54 9.10 -0.31
N MET A 101 -1.87 8.88 -0.58
N MET A 101 -1.83 8.95 -0.62
CA MET A 101 -2.97 9.39 0.22
CA MET A 101 -2.88 9.42 0.27
C MET A 101 -3.45 8.23 1.07
C MET A 101 -3.40 8.25 1.07
N TRP A 102 -3.22 8.31 2.39
CA TRP A 102 -3.73 7.28 3.26
C TRP A 102 -5.25 7.36 3.32
N LEU A 103 -5.90 6.22 3.13
CA LEU A 103 -7.36 6.15 3.07
C LEU A 103 -7.97 5.43 4.25
N LYS A 104 -7.17 4.67 5.00
CA LYS A 104 -7.63 4.04 6.23
C LYS A 104 -6.41 3.73 7.08
N GLN A 105 -6.52 4.00 8.38
CA GLN A 105 -5.61 3.47 9.40
C GLN A 105 -6.43 2.53 10.27
N CYS A 106 -5.93 1.31 10.47
CA CYS A 106 -6.71 0.32 11.19
C CYS A 106 -5.76 -0.72 11.75
N LYS A 107 -6.34 -1.70 12.43
CA LYS A 107 -5.64 -2.90 12.84
C LYS A 107 -6.46 -4.09 12.37
N ILE A 108 -5.86 -4.95 11.56
CA ILE A 108 -6.46 -6.22 11.17
C ILE A 108 -5.35 -7.24 11.03
N GLU A 109 -5.56 -8.43 11.59
CA GLU A 109 -4.53 -9.47 11.60
C GLU A 109 -4.76 -10.44 10.44
N PHE A 110 -3.67 -10.91 9.85
CA PHE A 110 -3.77 -11.94 8.81
C PHE A 110 -4.60 -13.13 9.32
N GLU A 111 -4.41 -13.49 10.59
CA GLU A 111 -5.11 -14.66 11.12
C GLU A 111 -6.62 -14.45 11.24
N GLU A 112 -7.08 -13.19 11.32
CA GLU A 112 -8.52 -12.94 11.32
C GLU A 112 -9.14 -13.26 9.97
N LEU A 113 -8.34 -13.30 8.92
CA LEU A 113 -8.85 -13.62 7.59
C LEU A 113 -8.92 -15.12 7.35
N GLY A 114 -8.51 -15.93 8.32
CA GLY A 114 -8.54 -17.36 8.14
C GLY A 114 -7.58 -17.80 7.05
N LYS A 115 -7.97 -18.86 6.35
CA LYS A 115 -7.13 -19.48 5.32
C LYS A 115 -7.31 -18.70 4.03
N VAL A 116 -6.55 -17.62 3.90
CA VAL A 116 -6.55 -16.83 2.68
C VAL A 116 -5.23 -17.05 1.96
N THR A 117 -5.31 -17.48 0.71
CA THR A 117 -4.13 -17.61 -0.14
C THR A 117 -4.26 -16.70 -1.33
N ASN A 118 -3.12 -16.37 -1.91
CA ASN A 118 -3.07 -15.46 -3.05
C ASN A 118 -2.75 -16.25 -4.31
N PRO A 119 -3.71 -16.45 -5.22
CA PRO A 119 -3.41 -17.22 -6.44
C PRO A 119 -2.42 -16.55 -7.36
N TRP A 120 -2.16 -15.26 -7.17
CA TRP A 120 -1.16 -14.55 -7.94
C TRP A 120 0.22 -14.62 -7.30
N ASN A 121 0.32 -15.24 -6.13
CA ASN A 121 1.58 -15.45 -5.42
C ASN A 121 1.72 -16.92 -5.02
N ASP A 122 1.55 -17.81 -5.99
CA ASP A 122 1.76 -19.24 -5.82
C ASP A 122 0.83 -19.87 -4.78
N ASP A 123 -0.36 -19.30 -4.61
CA ASP A 123 -1.32 -19.78 -3.62
C ASP A 123 -0.75 -19.74 -2.20
N LEU A 124 0.16 -18.82 -1.94
CA LEU A 124 0.77 -18.71 -0.64
C LEU A 124 -0.15 -17.97 0.31
N PRO A 125 -0.03 -18.22 1.62
CA PRO A 125 -0.82 -17.47 2.59
C PRO A 125 -0.53 -15.99 2.49
N LEU A 126 -1.55 -15.18 2.76
CA LEU A 126 -1.41 -13.73 2.72
C LEU A 126 -0.25 -13.25 3.59
N ARG A 127 -0.03 -13.93 4.72
CA ARG A 127 1.05 -13.52 5.61
C ARG A 127 2.42 -13.62 4.96
N LYS A 128 2.58 -14.45 3.92
CA LYS A 128 3.87 -14.59 3.27
C LYS A 128 4.07 -13.58 2.15
N SER A 129 3.19 -12.60 2.02
CA SER A 129 3.35 -11.56 1.02
C SER A 129 4.66 -10.82 1.24
N ARG A 130 5.37 -10.58 0.16
CA ARG A 130 6.57 -9.76 0.19
C ARG A 130 6.25 -8.33 -0.27
N ASP A 131 7.22 -7.45 -0.12
CA ASP A 131 7.02 -6.07 -0.54
C ASP A 131 6.72 -6.01 -2.03
N GLY A 132 5.59 -5.40 -2.40
CA GLY A 132 5.19 -5.28 -3.79
C GLY A 132 4.32 -6.40 -4.33
N THR A 133 3.99 -7.40 -3.52
CA THR A 133 3.17 -8.50 -4.00
C THR A 133 1.80 -7.97 -4.43
N GLU A 134 1.37 -8.32 -5.64
CA GLU A 134 0.05 -7.93 -6.11
C GLU A 134 -1.00 -8.96 -5.71
N VAL A 135 -2.17 -8.48 -5.31
N VAL A 135 -2.21 -8.47 -5.48
CA VAL A 135 -3.28 -9.40 -5.05
CA VAL A 135 -3.35 -9.23 -5.00
C VAL A 135 -4.37 -9.20 -6.10
C VAL A 135 -4.42 -9.16 -6.08
N PRO A 136 -5.13 -10.25 -6.41
CA PRO A 136 -6.21 -10.14 -7.39
C PRO A 136 -7.27 -9.15 -6.94
N PRO A 137 -8.02 -8.57 -7.88
CA PRO A 137 -8.95 -7.50 -7.49
C PRO A 137 -10.07 -7.95 -6.56
N ALA A 138 -10.59 -9.18 -6.69
CA ALA A 138 -11.66 -9.58 -5.78
C ALA A 138 -11.15 -9.62 -4.34
N LEU A 139 -9.96 -10.22 -4.12
CA LEU A 139 -9.38 -10.24 -2.78
C LEU A 139 -8.97 -8.86 -2.33
N GLY A 140 -8.30 -8.09 -3.22
CA GLY A 140 -7.88 -6.75 -2.83
C GLY A 140 -9.04 -5.88 -2.43
N SER A 141 -10.12 -5.92 -3.21
N SER A 141 -10.12 -5.91 -3.22
CA SER A 141 -11.30 -5.11 -2.87
CA SER A 141 -11.30 -5.11 -2.87
C SER A 141 -11.85 -5.50 -1.50
C SER A 141 -11.82 -5.50 -1.49
N LEU A 142 -11.92 -6.81 -1.23
CA LEU A 142 -12.44 -7.26 0.06
C LEU A 142 -11.51 -6.88 1.21
N LEU A 143 -10.20 -6.97 1.02
CA LEU A 143 -9.29 -6.55 2.08
C LEU A 143 -9.48 -5.07 2.41
N CYS A 144 -9.68 -4.26 1.39
CA CYS A 144 -9.88 -2.83 1.62
C CYS A 144 -11.25 -2.58 2.26
N THR A 145 -12.28 -3.32 1.84
CA THR A 145 -13.59 -3.21 2.49
C THR A 145 -13.51 -3.61 3.96
N TRP A 146 -12.89 -4.75 4.25
CA TRP A 146 -12.81 -5.20 5.65
C TRP A 146 -12.00 -4.22 6.50
N MET A 147 -10.90 -3.68 5.95
CA MET A 147 -10.16 -2.65 6.68
C MET A 147 -11.01 -1.41 6.92
N SER A 148 -11.74 -0.97 5.89
N SER A 148 -11.76 -0.99 5.89
CA SER A 148 -12.53 0.24 6.02
CA SER A 148 -12.58 0.23 5.95
C SER A 148 -13.60 0.10 7.11
C SER A 148 -13.79 0.10 6.86
N GLN A 149 -14.12 -1.12 7.30
CA GLN A 149 -15.16 -1.35 8.30
C GLN A 149 -14.63 -1.30 9.73
N ARG A 150 -13.34 -1.49 9.92
CA ARG A 150 -12.74 -1.46 11.25
C ARG A 150 -12.76 -0.02 11.77
N PRO A 151 -12.68 0.15 13.09
CA PRO A 151 -12.51 1.51 13.62
C PRO A 151 -11.24 2.14 13.08
N SER A 152 -11.30 3.43 12.81
CA SER A 152 -10.11 4.14 12.40
C SER A 152 -9.17 4.31 13.59
N GLU A 153 -7.90 4.01 13.38
CA GLU A 153 -6.86 4.23 14.37
C GLU A 153 -6.17 5.56 14.07
N ASP A 154 -5.63 6.17 15.12
CA ASP A 154 -4.80 7.37 14.97
C ASP A 154 -3.38 6.91 15.30
N LEU A 155 -2.72 6.30 14.31
CA LEU A 155 -1.47 5.63 14.56
C LEU A 155 -0.37 6.60 15.00
N LEU A 156 -0.51 7.88 14.69
CA LEU A 156 0.48 8.86 15.14
C LEU A 156 0.30 9.25 16.60
N ALA A 157 -0.91 9.11 17.13
CA ALA A 157 -1.22 9.54 18.49
C ALA A 157 -0.36 8.82 19.53
C1 IPA B . 10.03 3.93 2.81
C2 IPA B . 11.30 3.10 2.86
C3 IPA B . 10.96 1.71 3.36
O2 IPA B . 12.24 3.69 3.73
#